data_9L2P
#
_entry.id   9L2P
#
_cell.length_a   78.598
_cell.length_b   78.598
_cell.length_c   91.390
_cell.angle_alpha   90.00
_cell.angle_beta   90.00
_cell.angle_gamma   120.00
#
_symmetry.space_group_name_H-M   'P 32 2 1'
#
loop_
_entity.id
_entity.type
_entity.pdbx_description
1 polymer 'Cellulose-binding GDSL lipase/acylhydrolase'
2 non-polymer 'PROPANOIC ACID'
3 water water
#
_entity_poly.entity_id   1
_entity_poly.type   'polypeptide(L)'
_entity_poly.pdbx_seq_one_letter_code
;MTGIPTVTARPWTQRPRAENSTTNPTYFFTFGDAYSQTGFSASGTQPSASNPMGNPDLGIGTTTNGPNWIGYLTTTENAS
LVLSYNLAAGGATIDNALVPAYPGDLASQFRLFEDVYADKPASAPWSAEDAVFGVWIGINDIGNAYYSTDAETYTPKLIS
RLESLVEEVYKNGGRKFLFLNVPPTSRSPLFLEQGEEVVKQHAEYLSVYNENLEGMVDDFTKKKGDVTTVLYDSWSFMTK
ILDDPTAYGFPDATCINDDGTSCIWWNNYHPGMKYHLLQAEDMKPKLRKLGGW
;
_entity_poly.pdbx_strand_id   A
#
# COMPACT_ATOMS: atom_id res chain seq x y z
N ASN A 24 -5.31 -23.42 -6.65
CA ASN A 24 -6.23 -22.33 -6.97
C ASN A 24 -5.76 -21.03 -6.35
N PRO A 25 -4.99 -20.29 -7.12
CA PRO A 25 -4.30 -19.14 -6.53
C PRO A 25 -5.19 -17.92 -6.37
N THR A 26 -4.77 -17.08 -5.45
CA THR A 26 -5.25 -15.71 -5.35
C THR A 26 -4.29 -14.83 -6.10
N TYR A 27 -4.79 -14.00 -7.01
CA TYR A 27 -3.95 -13.10 -7.77
C TYR A 27 -3.98 -11.79 -7.04
N PHE A 28 -2.85 -11.38 -6.46
CA PHE A 28 -2.79 -10.19 -5.60
C PHE A 28 -2.07 -9.10 -6.36
N PHE A 29 -2.85 -8.17 -6.89
CA PHE A 29 -2.28 -7.04 -7.64
C PHE A 29 -2.21 -5.86 -6.70
N THR A 30 -1.01 -5.27 -6.57
CA THR A 30 -0.84 -4.21 -5.60
C THR A 30 -0.30 -2.99 -6.28
N PHE A 31 -0.66 -1.84 -5.70
CA PHE A 31 -0.43 -0.51 -6.25
C PHE A 31 -0.04 0.36 -5.07
N GLY A 32 0.96 1.22 -5.26
CA GLY A 32 1.34 2.08 -4.13
C GLY A 32 2.72 2.71 -4.37
N ASP A 33 3.40 2.96 -3.26
CA ASP A 33 4.60 3.81 -3.29
C ASP A 33 5.75 2.99 -2.71
N ALA A 34 6.76 3.67 -2.16
CA ALA A 34 7.92 2.90 -1.72
C ALA A 34 7.63 2.05 -0.48
N TYR A 35 6.53 2.30 0.22
CA TYR A 35 6.19 1.39 1.31
C TYR A 35 5.75 0.06 0.78
N SER A 36 5.53 -0.04 -0.51
CA SER A 36 5.09 -1.27 -1.13
C SER A 36 5.98 -1.75 -2.24
N GLN A 37 6.88 -0.91 -2.75
CA GLN A 37 7.66 -1.33 -3.91
C GLN A 37 8.48 -2.59 -3.65
N THR A 38 8.63 -3.39 -4.69
CA THR A 38 9.60 -4.49 -4.67
C THR A 38 10.41 -4.53 -5.94
N GLY A 39 10.13 -3.65 -6.92
CA GLY A 39 10.89 -3.72 -8.16
C GLY A 39 10.42 -4.78 -9.13
N PHE A 40 9.23 -5.30 -8.93
CA PHE A 40 8.64 -6.21 -9.89
C PHE A 40 8.51 -5.55 -11.27
N SER A 41 8.98 -6.24 -12.30
CA SER A 41 8.82 -5.82 -13.67
C SER A 41 7.76 -6.68 -14.34
N ALA A 42 6.92 -6.03 -15.12
CA ALA A 42 6.00 -6.81 -15.92
C ALA A 42 6.68 -7.64 -17.00
N SER A 43 7.94 -7.39 -17.33
CA SER A 43 8.69 -8.23 -18.26
CA SER A 43 8.67 -8.24 -18.26
C SER A 43 9.67 -9.16 -17.56
N GLY A 44 9.71 -9.14 -16.24
CA GLY A 44 10.52 -10.08 -15.48
C GLY A 44 9.78 -11.39 -15.28
N THR A 45 10.45 -12.32 -14.60
CA THR A 45 9.80 -13.60 -14.30
C THR A 45 8.45 -13.39 -13.67
N GLN A 46 7.43 -14.13 -14.19
CA GLN A 46 6.09 -13.86 -13.68
C GLN A 46 5.77 -14.80 -12.53
N PRO A 47 4.81 -14.42 -11.69
CA PRO A 47 4.46 -15.24 -10.53
C PRO A 47 4.01 -16.63 -10.91
N SER A 48 4.42 -17.59 -10.06
CA SER A 48 3.96 -18.95 -10.19
C SER A 48 3.98 -19.59 -8.81
N ALA A 49 3.46 -20.81 -8.73
CA ALA A 49 3.39 -21.48 -7.46
C ALA A 49 4.78 -21.64 -6.87
N SER A 50 5.76 -21.90 -7.72
CA SER A 50 7.10 -22.09 -7.20
C SER A 50 7.82 -20.76 -6.98
N ASN A 51 7.20 -19.65 -7.37
CA ASN A 51 7.86 -18.35 -7.33
C ASN A 51 6.78 -17.29 -7.25
N PRO A 52 6.15 -17.19 -6.07
CA PRO A 52 4.92 -16.37 -5.98
C PRO A 52 5.15 -14.90 -6.20
N MET A 53 6.33 -14.35 -5.94
CA MET A 53 6.58 -12.94 -6.24
C MET A 53 6.90 -12.65 -7.68
N GLY A 54 7.20 -13.67 -8.46
CA GLY A 54 7.63 -13.43 -9.85
C GLY A 54 9.07 -12.91 -9.89
N ASN A 55 9.23 -11.62 -9.60
CA ASN A 55 10.55 -11.01 -9.60
C ASN A 55 10.44 -9.72 -8.81
N PRO A 56 11.53 -9.24 -8.24
CA PRO A 56 12.76 -10.00 -8.01
C PRO A 56 12.55 -11.03 -6.91
N ASP A 57 13.62 -11.69 -6.46
CA ASP A 57 13.48 -12.61 -5.34
C ASP A 57 12.86 -11.94 -4.14
N LEU A 58 12.06 -12.72 -3.41
CA LEU A 58 11.53 -12.28 -2.13
C LEU A 58 12.62 -11.64 -1.29
N GLY A 59 12.35 -10.41 -0.84
CA GLY A 59 13.25 -9.72 0.05
C GLY A 59 14.19 -8.76 -0.65
N ILE A 60 14.17 -8.74 -1.99
CA ILE A 60 14.89 -7.74 -2.79
C ILE A 60 13.94 -6.61 -3.18
N GLY A 61 14.51 -5.42 -3.42
CA GLY A 61 13.79 -4.35 -4.07
C GLY A 61 12.96 -3.48 -3.17
N THR A 62 13.06 -3.65 -1.86
CA THR A 62 12.16 -2.96 -0.95
C THR A 62 12.88 -1.83 -0.26
N THR A 63 12.12 -1.11 0.56
CA THR A 63 12.68 -0.14 1.48
C THR A 63 12.69 -0.63 2.91
N THR A 64 13.04 -1.92 3.10
CA THR A 64 12.93 -2.51 4.44
C THR A 64 14.13 -3.36 4.83
N ASN A 65 15.09 -3.59 3.94
CA ASN A 65 16.20 -4.49 4.09
C ASN A 65 15.79 -5.96 3.91
N GLY A 66 14.55 -6.24 3.61
CA GLY A 66 14.13 -7.62 3.47
C GLY A 66 12.78 -7.66 2.80
N PRO A 67 11.97 -8.65 3.09
CA PRO A 67 10.60 -8.59 2.60
C PRO A 67 9.89 -7.35 3.11
N ASN A 68 8.89 -6.95 2.36
CA ASN A 68 7.98 -5.94 2.90
C ASN A 68 6.58 -6.57 3.11
N TRP A 69 5.59 -5.72 3.47
CA TRP A 69 4.32 -6.30 3.86
C TRP A 69 3.72 -7.17 2.76
N ILE A 70 3.93 -6.81 1.50
CA ILE A 70 3.41 -7.64 0.43
C ILE A 70 4.12 -8.97 0.34
N GLY A 71 5.46 -8.95 0.48
CA GLY A 71 6.19 -10.22 0.48
C GLY A 71 5.77 -11.10 1.65
N TYR A 72 5.58 -10.50 2.83
CA TYR A 72 5.13 -11.29 3.96
C TYR A 72 3.70 -11.78 3.76
N LEU A 73 2.79 -10.94 3.25
CA LEU A 73 1.43 -11.45 3.02
C LEU A 73 1.40 -12.56 2.01
N THR A 74 2.28 -12.51 1.02
CA THR A 74 2.25 -13.45 -0.08
C THR A 74 2.87 -14.77 0.29
N THR A 75 3.94 -14.74 1.07
CA THR A 75 4.74 -15.96 1.29
C THR A 75 4.83 -16.41 2.72
N THR A 76 4.46 -15.58 3.68
CA THR A 76 4.58 -15.95 5.10
C THR A 76 3.22 -16.07 5.77
N GLU A 77 2.33 -15.13 5.46
CA GLU A 77 1.01 -15.07 6.11
C GLU A 77 -0.05 -15.69 5.28
N ASN A 78 0.29 -16.23 4.10
CA ASN A 78 -0.73 -16.75 3.21
C ASN A 78 -1.30 -18.05 3.73
N ALA A 79 -2.61 -18.21 3.58
CA ALA A 79 -3.30 -19.46 3.95
C ALA A 79 -3.40 -20.43 2.77
N SER A 80 -3.17 -19.94 1.57
CA SER A 80 -3.22 -20.70 0.33
C SER A 80 -2.31 -19.98 -0.64
N LEU A 81 -2.27 -20.44 -1.90
CA LEU A 81 -1.31 -19.88 -2.83
C LEU A 81 -1.71 -18.44 -3.20
N VAL A 82 -0.79 -17.52 -2.98
CA VAL A 82 -0.99 -16.13 -3.36
C VAL A 82 0.09 -15.80 -4.40
N LEU A 83 -0.30 -15.19 -5.51
CA LEU A 83 0.63 -14.79 -6.55
C LEU A 83 0.65 -13.27 -6.53
N SER A 84 1.86 -12.67 -6.40
CA SER A 84 1.97 -11.22 -6.22
C SER A 84 2.43 -10.55 -7.49
N TYR A 85 1.62 -9.58 -7.97
CA TYR A 85 1.97 -8.75 -9.13
C TYR A 85 2.03 -7.35 -8.60
N ASN A 86 3.21 -6.90 -8.25
CA ASN A 86 3.32 -5.71 -7.41
C ASN A 86 3.78 -4.49 -8.23
N LEU A 87 2.82 -3.63 -8.56
CA LEU A 87 3.09 -2.52 -9.44
C LEU A 87 3.49 -1.24 -8.69
N ALA A 88 3.60 -1.28 -7.37
CA ALA A 88 3.96 -0.10 -6.61
C ALA A 88 5.34 0.44 -7.00
N ALA A 89 5.45 1.76 -6.96
CA ALA A 89 6.67 2.40 -7.39
C ALA A 89 7.05 3.48 -6.41
N GLY A 90 8.35 3.56 -6.14
CA GLY A 90 8.83 4.55 -5.19
C GLY A 90 8.43 5.97 -5.58
N GLY A 91 8.02 6.74 -4.55
CA GLY A 91 7.74 8.17 -4.75
C GLY A 91 6.37 8.44 -5.26
N ALA A 92 5.59 7.39 -5.58
CA ALA A 92 4.33 7.61 -6.23
C ALA A 92 3.36 8.48 -5.43
N THR A 93 2.70 9.37 -6.18
CA THR A 93 1.48 10.03 -5.75
C THR A 93 0.31 9.40 -6.53
N ILE A 94 -0.91 9.87 -6.25
CA ILE A 94 -2.09 9.28 -6.88
C ILE A 94 -2.11 9.63 -8.37
N ASP A 95 -1.98 10.91 -8.70
CA ASP A 95 -2.02 11.32 -10.10
C ASP A 95 -1.27 12.62 -10.23
N ASN A 96 -0.31 12.63 -11.20
CA ASN A 96 0.53 13.80 -11.35
C ASN A 96 -0.24 15.03 -11.81
N ALA A 97 -1.53 14.88 -12.16
CA ALA A 97 -2.33 16.04 -12.45
C ALA A 97 -2.84 16.72 -11.19
N LEU A 98 -2.70 16.04 -10.03
CA LEU A 98 -3.09 16.57 -8.76
C LEU A 98 -1.81 16.94 -8.05
N VAL A 99 -1.27 16.06 -7.20
CA VAL A 99 0.02 16.29 -6.56
C VAL A 99 1.03 15.51 -7.37
N PRO A 100 1.97 16.15 -8.03
CA PRO A 100 2.90 15.44 -8.91
C PRO A 100 4.16 15.06 -8.15
N ALA A 101 4.83 14.05 -8.66
CA ALA A 101 6.13 13.71 -8.08
C ALA A 101 6.94 13.00 -9.13
N TYR A 102 6.67 11.72 -9.31
CA TYR A 102 7.45 10.85 -10.17
C TYR A 102 6.55 10.28 -11.25
N PRO A 103 7.12 9.86 -12.39
CA PRO A 103 6.28 9.40 -13.53
C PRO A 103 5.39 8.23 -13.14
N GLY A 104 5.92 7.33 -12.33
CA GLY A 104 5.17 6.14 -11.91
C GLY A 104 4.14 6.41 -10.83
N ASP A 105 3.24 7.33 -11.12
CA ASP A 105 2.15 7.59 -10.16
C ASP A 105 1.17 6.42 -10.14
N LEU A 106 0.20 6.51 -9.25
CA LEU A 106 -0.80 5.42 -9.15
C LEU A 106 -1.53 5.29 -10.50
N ALA A 107 -1.87 6.42 -11.10
CA ALA A 107 -2.56 6.34 -12.40
C ALA A 107 -1.75 5.48 -13.38
N SER A 108 -0.43 5.72 -13.42
N SER A 108 -0.43 5.72 -13.42
CA SER A 108 0.44 4.96 -14.36
CA SER A 108 0.45 4.95 -14.35
C SER A 108 0.47 3.47 -13.98
C SER A 108 0.47 3.47 -13.98
N GLN A 109 0.40 3.18 -12.68
CA GLN A 109 0.39 1.76 -12.23
C GLN A 109 -0.90 1.10 -12.73
N PHE A 110 -1.99 1.83 -12.63
CA PHE A 110 -3.26 1.26 -13.15
C PHE A 110 -3.16 1.08 -14.66
N ARG A 111 -2.52 2.02 -15.34
CA ARG A 111 -2.37 1.90 -16.80
C ARG A 111 -1.53 0.65 -17.13
N LEU A 112 -0.47 0.43 -16.35
CA LEU A 112 0.35 -0.79 -16.58
C LEU A 112 -0.54 -2.02 -16.36
N PHE A 113 -1.35 -1.97 -15.31
CA PHE A 113 -2.28 -3.10 -15.05
C PHE A 113 -3.19 -3.29 -16.28
N GLU A 114 -3.77 -2.18 -16.73
CA GLU A 114 -4.71 -2.28 -17.86
C GLU A 114 -4.00 -2.83 -19.11
N ASP A 115 -2.74 -2.48 -19.26
CA ASP A 115 -2.03 -2.86 -20.49
C ASP A 115 -1.61 -4.33 -20.46
N VAL A 116 -1.35 -4.86 -19.26
CA VAL A 116 -0.71 -6.18 -19.18
C VAL A 116 -1.64 -7.25 -18.60
N TYR A 117 -2.38 -6.92 -17.54
CA TYR A 117 -3.07 -7.94 -16.75
C TYR A 117 -4.57 -7.80 -16.75
N ALA A 118 -5.11 -6.63 -17.10
CA ALA A 118 -6.56 -6.45 -16.96
C ALA A 118 -7.37 -7.43 -17.78
N ASP A 119 -6.85 -7.82 -18.96
CA ASP A 119 -7.62 -8.69 -19.84
C ASP A 119 -7.41 -10.16 -19.50
N LYS A 120 -6.84 -10.46 -18.34
CA LYS A 120 -6.78 -11.81 -17.81
C LYS A 120 -6.02 -12.74 -18.75
N PRO A 121 -4.76 -12.41 -19.02
CA PRO A 121 -3.93 -13.23 -19.92
C PRO A 121 -3.59 -14.56 -19.28
N ALA A 122 -3.04 -15.43 -20.11
CA ALA A 122 -2.74 -16.78 -19.61
C ALA A 122 -1.79 -16.72 -18.43
N SER A 123 -0.94 -15.71 -18.39
CA SER A 123 0.01 -15.53 -17.29
C SER A 123 -0.66 -15.11 -15.99
N ALA A 124 -1.88 -14.62 -16.05
CA ALA A 124 -2.56 -14.16 -14.86
C ALA A 124 -4.06 -14.24 -15.16
N PRO A 125 -4.58 -15.44 -15.22
CA PRO A 125 -5.98 -15.65 -15.67
C PRO A 125 -6.94 -15.53 -14.50
N TRP A 126 -7.02 -14.30 -14.00
CA TRP A 126 -7.75 -14.03 -12.78
C TRP A 126 -9.25 -13.88 -13.05
N SER A 127 -10.00 -13.90 -11.97
N SER A 127 -10.01 -13.93 -11.97
CA SER A 127 -11.45 -13.78 -12.02
CA SER A 127 -11.46 -13.82 -12.02
C SER A 127 -11.89 -13.01 -10.80
C SER A 127 -11.90 -13.01 -10.81
N ALA A 128 -13.17 -12.60 -10.82
CA ALA A 128 -13.67 -11.84 -9.66
C ALA A 128 -13.48 -12.58 -8.36
N GLU A 129 -13.59 -13.92 -8.42
CA GLU A 129 -13.54 -14.71 -7.18
C GLU A 129 -12.15 -14.88 -6.65
N ASP A 130 -11.10 -14.60 -7.45
CA ASP A 130 -9.76 -14.93 -6.96
C ASP A 130 -8.74 -13.83 -7.14
N ALA A 131 -9.17 -12.61 -7.47
CA ALA A 131 -8.23 -11.50 -7.58
C ALA A 131 -8.47 -10.53 -6.44
N VAL A 132 -7.37 -10.05 -5.85
CA VAL A 132 -7.45 -9.07 -4.77
C VAL A 132 -6.61 -7.91 -5.23
N PHE A 133 -7.17 -6.74 -5.15
CA PHE A 133 -6.47 -5.54 -5.60
C PHE A 133 -6.16 -4.70 -4.38
N GLY A 134 -4.88 -4.55 -4.07
CA GLY A 134 -4.46 -3.85 -2.84
C GLY A 134 -3.84 -2.52 -3.22
N VAL A 135 -4.26 -1.46 -2.51
CA VAL A 135 -3.76 -0.12 -2.83
C VAL A 135 -3.30 0.53 -1.57
N TRP A 136 -2.06 0.99 -1.57
CA TRP A 136 -1.55 1.74 -0.41
C TRP A 136 -0.93 3.02 -0.97
N ILE A 137 -1.66 4.12 -0.90
CA ILE A 137 -1.21 5.35 -1.52
C ILE A 137 -1.66 6.51 -0.64
N GLY A 138 -0.92 7.62 -0.76
CA GLY A 138 -1.33 8.83 -0.04
C GLY A 138 -0.17 9.41 0.75
N ILE A 139 0.82 8.56 1.12
CA ILE A 139 1.96 9.10 1.86
C ILE A 139 2.57 10.27 1.13
N ASN A 140 2.82 10.10 -0.16
CA ASN A 140 3.53 11.16 -0.88
C ASN A 140 2.64 12.31 -1.27
N ASP A 141 1.35 12.06 -1.53
CA ASP A 141 0.43 13.16 -1.79
C ASP A 141 0.37 14.07 -0.58
N ILE A 142 0.21 13.48 0.60
CA ILE A 142 0.17 14.27 1.82
C ILE A 142 1.53 14.90 2.07
N GLY A 143 2.60 14.13 1.94
CA GLY A 143 3.92 14.64 2.23
C GLY A 143 4.25 15.85 1.38
N ASN A 144 3.72 15.90 0.16
CA ASN A 144 4.00 17.03 -0.72
C ASN A 144 2.98 18.15 -0.67
N ALA A 145 1.79 17.95 -0.14
CA ALA A 145 0.76 18.95 -0.29
C ALA A 145 0.21 19.41 1.04
N TYR A 146 0.72 18.87 2.18
CA TYR A 146 0.08 19.14 3.45
C TYR A 146 0.16 20.62 3.85
N TYR A 147 1.11 21.39 3.32
CA TYR A 147 1.23 22.77 3.74
C TYR A 147 0.70 23.74 2.70
N SER A 148 0.40 23.27 1.50
CA SER A 148 0.08 24.14 0.38
C SER A 148 -1.35 24.00 -0.08
N THR A 149 -2.11 23.08 0.51
CA THR A 149 -3.47 22.86 0.10
C THR A 149 -4.33 22.79 1.34
N ASP A 150 -5.63 22.96 1.11
CA ASP A 150 -6.62 22.88 2.17
C ASP A 150 -7.11 21.43 2.25
N ALA A 151 -6.86 20.76 3.38
CA ALA A 151 -7.18 19.33 3.44
C ALA A 151 -8.65 19.08 3.18
N GLU A 152 -9.52 19.87 3.81
CA GLU A 152 -10.95 19.58 3.67
C GLU A 152 -11.42 19.66 2.24
N THR A 153 -10.90 20.61 1.41
CA THR A 153 -11.42 20.65 0.04
C THR A 153 -10.50 20.00 -0.95
N TYR A 154 -9.22 19.83 -0.60
CA TYR A 154 -8.30 19.20 -1.56
C TYR A 154 -8.29 17.68 -1.44
N THR A 155 -8.30 17.13 -0.23
CA THR A 155 -8.23 15.67 -0.17
C THR A 155 -9.41 14.96 -0.82
N PRO A 156 -10.62 15.53 -0.89
CA PRO A 156 -11.64 14.83 -1.70
C PRO A 156 -11.28 14.70 -3.16
N LYS A 157 -10.46 15.62 -3.69
CA LYS A 157 -10.06 15.48 -5.09
C LYS A 157 -9.13 14.31 -5.25
N LEU A 158 -8.18 14.16 -4.30
CA LEU A 158 -7.31 13.01 -4.35
C LEU A 158 -8.09 11.72 -4.24
N ILE A 159 -8.98 11.67 -3.26
CA ILE A 159 -9.74 10.44 -3.00
C ILE A 159 -10.65 10.13 -4.17
N SER A 160 -11.24 11.17 -4.81
CA SER A 160 -12.10 10.92 -5.97
C SER A 160 -11.29 10.35 -7.11
N ARG A 161 -10.03 10.83 -7.27
CA ARG A 161 -9.22 10.27 -8.35
C ARG A 161 -8.84 8.82 -8.05
N LEU A 162 -8.50 8.53 -6.80
CA LEU A 162 -8.29 7.14 -6.39
C LEU A 162 -9.50 6.29 -6.72
N GLU A 163 -10.69 6.77 -6.39
CA GLU A 163 -11.90 6.01 -6.66
C GLU A 163 -12.05 5.75 -8.14
N SER A 164 -11.78 6.74 -8.98
CA SER A 164 -11.93 6.52 -10.41
CA SER A 164 -11.96 6.52 -10.41
C SER A 164 -10.94 5.51 -10.95
N LEU A 165 -9.76 5.42 -10.36
CA LEU A 165 -8.81 4.38 -10.80
C LEU A 165 -9.37 3.01 -10.36
N VAL A 166 -9.86 2.96 -9.13
CA VAL A 166 -10.46 1.71 -8.65
C VAL A 166 -11.58 1.28 -9.57
N GLU A 167 -12.32 2.25 -10.11
CA GLU A 167 -13.39 1.89 -11.02
C GLU A 167 -12.89 1.25 -12.30
N GLU A 168 -11.67 1.54 -12.71
CA GLU A 168 -11.15 0.89 -13.92
C GLU A 168 -11.02 -0.62 -13.68
N VAL A 169 -10.47 -0.96 -12.52
CA VAL A 169 -10.35 -2.38 -12.20
C VAL A 169 -11.74 -2.99 -12.01
N TYR A 170 -12.66 -2.25 -11.39
CA TYR A 170 -14.00 -2.77 -11.25
C TYR A 170 -14.61 -3.08 -12.62
N LYS A 171 -14.37 -2.21 -13.60
CA LYS A 171 -14.93 -2.45 -14.92
C LYS A 171 -14.27 -3.66 -15.57
N ASN A 172 -13.00 -3.93 -15.20
CA ASN A 172 -12.34 -5.15 -15.70
C ASN A 172 -12.90 -6.42 -15.09
N GLY A 173 -13.61 -6.27 -13.98
CA GLY A 173 -14.19 -7.43 -13.30
C GLY A 173 -13.62 -7.66 -11.91
N GLY A 174 -12.83 -6.72 -11.42
CA GLY A 174 -12.34 -6.88 -10.06
C GLY A 174 -13.41 -6.59 -9.04
N ARG A 175 -13.40 -7.40 -8.00
CA ARG A 175 -14.42 -7.27 -6.95
C ARG A 175 -13.90 -7.34 -5.55
N LYS A 176 -12.63 -7.65 -5.30
CA LYS A 176 -12.11 -7.77 -3.95
C LYS A 176 -10.98 -6.76 -3.82
N PHE A 177 -11.10 -5.86 -2.84
CA PHE A 177 -10.19 -4.71 -2.75
C PHE A 177 -9.69 -4.56 -1.35
N LEU A 178 -8.41 -4.22 -1.23
CA LEU A 178 -7.75 -3.97 0.05
C LEU A 178 -7.21 -2.56 -0.02
N PHE A 179 -7.62 -1.69 0.91
CA PHE A 179 -7.07 -0.34 0.96
C PHE A 179 -6.37 -0.17 2.28
N LEU A 180 -5.13 0.34 2.25
CA LEU A 180 -4.46 0.65 3.50
C LEU A 180 -4.50 2.17 3.68
N ASN A 181 -4.89 2.63 4.88
CA ASN A 181 -4.85 4.06 5.08
C ASN A 181 -3.41 4.50 5.34
N VAL A 182 -3.24 5.80 5.39
CA VAL A 182 -1.88 6.33 5.43
C VAL A 182 -1.35 6.22 6.86
N PRO A 183 -0.14 5.71 7.06
CA PRO A 183 0.40 5.56 8.42
C PRO A 183 1.00 6.87 8.89
N PRO A 184 1.35 6.96 10.13
CA PRO A 184 1.82 8.26 10.71
C PRO A 184 3.24 8.60 10.29
N THR A 185 3.39 8.91 9.00
CA THR A 185 4.69 9.36 8.53
C THR A 185 5.03 10.73 9.07
N SER A 186 4.05 11.40 9.70
CA SER A 186 4.31 12.60 10.48
C SER A 186 5.36 12.38 11.57
N ARG A 187 5.51 11.12 12.04
CA ARG A 187 6.40 10.76 13.12
C ARG A 187 7.63 9.98 12.61
N SER A 188 7.81 9.96 11.30
CA SER A 188 9.09 9.47 10.78
C SER A 188 10.15 10.48 11.17
N PRO A 189 11.38 10.02 11.29
CA PRO A 189 12.48 10.95 11.56
C PRO A 189 12.52 12.13 10.60
N LEU A 190 12.23 11.89 9.33
CA LEU A 190 12.27 12.97 8.33
C LEU A 190 11.30 14.09 8.72
N PHE A 191 10.13 13.74 9.23
CA PHE A 191 9.24 14.82 9.61
C PHE A 191 9.48 15.32 11.02
N LEU A 192 9.90 14.44 11.96
CA LEU A 192 10.19 14.93 13.31
C LEU A 192 11.21 16.03 13.25
N GLU A 193 12.19 15.90 12.36
CA GLU A 193 13.27 16.88 12.28
C GLU A 193 12.76 18.24 11.80
N GLN A 194 11.58 18.32 11.22
CA GLN A 194 11.08 19.61 10.74
C GLN A 194 10.38 20.42 11.81
N GLY A 195 10.21 19.84 12.99
CA GLY A 195 9.64 20.57 14.11
C GLY A 195 8.27 20.05 14.44
N GLU A 196 7.90 20.21 15.71
CA GLU A 196 6.65 19.63 16.14
C GLU A 196 5.44 20.27 15.48
N GLU A 197 5.53 21.57 15.17
CA GLU A 197 4.34 22.17 14.54
C GLU A 197 4.19 21.69 13.11
N VAL A 198 5.28 21.26 12.45
CA VAL A 198 5.12 20.67 11.12
C VAL A 198 4.59 19.26 11.24
N VAL A 199 5.12 18.49 12.21
CA VAL A 199 4.55 17.18 12.48
C VAL A 199 3.04 17.32 12.64
N LYS A 200 2.62 18.33 13.43
CA LYS A 200 1.20 18.54 13.70
C LYS A 200 0.45 18.93 12.44
N GLN A 201 1.02 19.85 11.65
CA GLN A 201 0.33 20.28 10.44
C GLN A 201 0.15 19.12 9.50
N HIS A 202 1.20 18.33 9.36
CA HIS A 202 1.13 17.15 8.48
C HIS A 202 0.14 16.13 9.03
N ALA A 203 0.20 15.89 10.33
CA ALA A 203 -0.68 14.86 10.91
C ALA A 203 -2.16 15.23 10.77
N GLU A 204 -2.46 16.51 10.95
CA GLU A 204 -3.87 16.95 10.87
C GLU A 204 -4.38 16.77 9.43
N TYR A 205 -3.52 17.05 8.46
CA TYR A 205 -3.93 16.92 7.05
C TYR A 205 -4.15 15.44 6.78
N LEU A 206 -3.21 14.63 7.23
CA LEU A 206 -3.29 13.17 7.01
C LEU A 206 -4.61 12.63 7.60
N SER A 207 -4.99 13.14 8.77
CA SER A 207 -6.22 12.61 9.41
C SER A 207 -7.43 12.83 8.51
N VAL A 208 -7.47 14.00 7.86
CA VAL A 208 -8.61 14.33 6.95
C VAL A 208 -8.57 13.38 5.74
N TYR A 209 -7.39 13.21 5.18
CA TYR A 209 -7.26 12.26 4.05
C TYR A 209 -7.79 10.89 4.46
N ASN A 210 -7.33 10.40 5.60
CA ASN A 210 -7.71 9.02 5.97
C ASN A 210 -9.22 8.93 6.23
N GLU A 211 -9.79 10.00 6.78
CA GLU A 211 -11.25 10.01 7.01
C GLU A 211 -11.96 9.97 5.66
N ASN A 212 -11.47 10.77 4.72
CA ASN A 212 -12.11 10.75 3.40
C ASN A 212 -11.88 9.44 2.69
N LEU A 213 -10.70 8.83 2.89
CA LEU A 213 -10.44 7.49 2.32
C LEU A 213 -11.46 6.51 2.85
N GLU A 214 -11.64 6.50 4.18
CA GLU A 214 -12.63 5.61 4.77
C GLU A 214 -14.00 5.84 4.20
N GLY A 215 -14.39 7.10 4.04
CA GLY A 215 -15.72 7.34 3.54
C GLY A 215 -15.86 6.82 2.12
N MET A 216 -14.80 6.98 1.33
CA MET A 216 -14.85 6.51 -0.04
C MET A 216 -14.95 5.00 -0.10
N VAL A 217 -14.16 4.31 0.70
CA VAL A 217 -14.24 2.85 0.65
C VAL A 217 -15.61 2.39 1.08
N ASP A 218 -16.17 3.03 2.13
CA ASP A 218 -17.51 2.66 2.58
C ASP A 218 -18.53 2.93 1.48
N ASP A 219 -18.47 4.12 0.86
CA ASP A 219 -19.45 4.46 -0.19
C ASP A 219 -19.31 3.54 -1.38
N PHE A 220 -18.08 3.21 -1.78
CA PHE A 220 -17.86 2.34 -2.92
C PHE A 220 -18.45 0.98 -2.62
N THR A 221 -18.17 0.45 -1.42
CA THR A 221 -18.63 -0.87 -1.05
C THR A 221 -20.14 -0.93 -1.10
N LYS A 222 -20.79 0.09 -0.53
CA LYS A 222 -22.25 0.06 -0.48
C LYS A 222 -22.85 0.25 -1.87
N LYS A 223 -22.29 1.18 -2.65
CA LYS A 223 -22.85 1.52 -3.95
C LYS A 223 -22.76 0.33 -4.91
N LYS A 224 -21.62 -0.36 -4.89
CA LYS A 224 -21.47 -1.49 -5.81
C LYS A 224 -22.28 -2.69 -5.36
N GLY A 225 -22.25 -3.00 -4.05
CA GLY A 225 -23.03 -4.09 -3.50
C GLY A 225 -22.48 -5.48 -3.73
N ASP A 226 -21.50 -5.61 -4.63
CA ASP A 226 -21.01 -6.93 -5.00
C ASP A 226 -19.51 -7.01 -4.80
N VAL A 227 -18.96 -6.12 -3.95
CA VAL A 227 -17.54 -6.11 -3.72
C VAL A 227 -17.24 -6.50 -2.28
N THR A 228 -16.07 -7.09 -2.09
CA THR A 228 -15.55 -7.44 -0.77
C THR A 228 -14.40 -6.49 -0.54
N THR A 229 -14.51 -5.68 0.51
CA THR A 229 -13.48 -4.67 0.75
C THR A 229 -12.96 -4.75 2.17
N VAL A 230 -11.67 -4.41 2.30
CA VAL A 230 -11.04 -4.23 3.59
C VAL A 230 -10.35 -2.90 3.59
N LEU A 231 -10.60 -2.10 4.63
CA LEU A 231 -9.83 -0.90 4.88
C LEU A 231 -8.98 -1.24 6.08
N TYR A 232 -7.66 -1.34 5.86
CA TYR A 232 -6.74 -1.69 6.93
C TYR A 232 -6.20 -0.42 7.52
N ASP A 233 -6.37 -0.27 8.82
CA ASP A 233 -5.97 0.93 9.54
C ASP A 233 -4.52 0.77 9.95
N SER A 234 -3.63 1.00 8.98
CA SER A 234 -2.20 0.98 9.27
C SER A 234 -1.85 2.13 10.19
N TRP A 235 -2.64 3.21 10.14
CA TRP A 235 -2.29 4.36 10.98
C TRP A 235 -2.34 3.99 12.43
N SER A 236 -3.44 3.35 12.85
CA SER A 236 -3.53 3.00 14.26
C SER A 236 -2.50 1.94 14.66
N PHE A 237 -2.21 1.01 13.73
CA PHE A 237 -1.28 -0.06 14.08
C PHE A 237 0.11 0.50 14.28
N MET A 238 0.56 1.33 13.31
CA MET A 238 1.92 1.81 13.51
C MET A 238 1.95 2.81 14.65
N THR A 239 0.85 3.57 14.89
CA THR A 239 0.81 4.49 16.03
C THR A 239 0.98 3.74 17.35
N LYS A 240 0.37 2.56 17.47
CA LYS A 240 0.54 1.73 18.69
C LYS A 240 2.00 1.41 18.90
N ILE A 241 2.71 1.07 17.82
CA ILE A 241 4.13 0.72 17.98
C ILE A 241 4.93 1.97 18.33
N LEU A 242 4.68 3.06 17.64
CA LEU A 242 5.43 4.29 17.91
C LEU A 242 5.22 4.75 19.35
N ASP A 243 4.01 4.52 19.87
CA ASP A 243 3.69 4.94 21.23
C ASP A 243 4.26 4.02 22.28
N ASP A 244 4.54 2.77 21.96
CA ASP A 244 5.08 1.83 22.95
C ASP A 244 6.07 0.92 22.25
N PRO A 245 7.18 1.48 21.77
CA PRO A 245 8.05 0.68 20.90
C PRO A 245 8.65 -0.54 21.57
N THR A 246 8.94 -0.44 22.86
CA THR A 246 9.63 -1.57 23.51
C THR A 246 8.71 -2.76 23.64
N ALA A 247 7.39 -2.55 23.61
CA ALA A 247 6.48 -3.69 23.68
C ALA A 247 6.58 -4.52 22.43
N TYR A 248 7.16 -3.96 21.37
CA TYR A 248 7.34 -4.65 20.11
C TYR A 248 8.80 -5.01 19.88
N GLY A 249 9.65 -4.80 20.88
CA GLY A 249 11.04 -5.14 20.75
C GLY A 249 11.86 -4.05 20.11
N PHE A 250 11.35 -2.93 19.95
CA PHE A 250 12.17 -1.84 19.46
C PHE A 250 12.63 -0.95 20.59
N PRO A 251 13.85 -0.38 20.53
CA PRO A 251 14.35 0.35 21.69
C PRO A 251 13.71 1.70 21.86
N ASP A 252 13.27 2.33 20.77
CA ASP A 252 12.58 3.63 20.82
C ASP A 252 11.83 3.78 19.52
N ALA A 253 11.21 4.95 19.33
CA ALA A 253 10.37 5.07 18.16
C ALA A 253 11.04 5.91 17.11
N THR A 254 12.30 6.30 17.31
CA THR A 254 12.94 7.25 16.42
C THR A 254 14.22 6.75 15.80
N CYS A 255 14.84 5.71 16.34
CA CYS A 255 16.12 5.33 15.79
C CYS A 255 15.96 4.75 14.38
N ILE A 256 17.04 4.85 13.64
CA ILE A 256 17.12 4.38 12.26
C ILE A 256 18.21 3.33 12.20
N ASN A 257 17.91 2.21 11.53
CA ASN A 257 18.93 1.20 11.31
C ASN A 257 18.60 0.47 10.01
N ASP A 258 19.55 0.47 9.06
CA ASP A 258 19.25 -0.15 7.79
C ASP A 258 19.32 -1.67 7.84
N ASP A 259 19.55 -2.26 9.02
CA ASP A 259 19.32 -3.69 9.09
C ASP A 259 17.83 -4.04 9.05
N GLY A 260 16.96 -3.04 9.16
CA GLY A 260 15.54 -3.22 9.08
C GLY A 260 14.89 -3.81 10.31
N THR A 261 15.66 -4.20 11.35
CA THR A 261 15.02 -4.88 12.45
C THR A 261 15.34 -4.26 13.79
N SER A 262 16.50 -3.57 13.89
CA SER A 262 16.91 -2.97 15.16
C SER A 262 16.06 -1.79 15.55
N CYS A 263 15.54 -1.08 14.57
CA CYS A 263 14.72 0.10 14.77
C CYS A 263 13.44 -0.02 13.96
N ILE A 264 12.45 0.82 14.31
CA ILE A 264 11.27 0.87 13.47
C ILE A 264 11.66 1.29 12.05
N TRP A 265 12.61 2.23 11.95
CA TRP A 265 12.90 2.93 10.71
C TRP A 265 14.13 2.33 10.04
N TRP A 266 13.97 1.99 8.77
CA TRP A 266 15.07 1.50 7.95
C TRP A 266 15.90 2.68 7.44
N ASN A 267 15.19 3.77 7.06
CA ASN A 267 15.86 5.04 6.84
C ASN A 267 14.93 6.11 7.39
N ASN A 268 15.18 7.39 7.08
CA ASN A 268 14.42 8.37 7.85
C ASN A 268 12.96 8.45 7.48
N TYR A 269 12.51 7.69 6.48
CA TYR A 269 11.15 7.87 6.04
C TYR A 269 10.45 6.56 5.79
N HIS A 270 11.14 5.43 5.98
CA HIS A 270 10.56 4.14 5.59
C HIS A 270 10.82 3.17 6.72
N PRO A 271 9.84 2.40 7.15
CA PRO A 271 10.05 1.42 8.21
C PRO A 271 10.67 0.12 7.70
N GLY A 272 11.30 -0.61 8.61
CA GLY A 272 12.02 -1.78 8.20
C GLY A 272 11.19 -3.06 8.17
N MET A 273 11.91 -4.15 7.86
CA MET A 273 11.24 -5.39 7.56
C MET A 273 10.55 -5.90 8.84
N LYS A 274 11.14 -5.67 10.03
CA LYS A 274 10.46 -6.10 11.25
C LYS A 274 9.11 -5.41 11.39
N TYR A 275 9.07 -4.08 11.22
CA TYR A 275 7.79 -3.40 11.21
C TYR A 275 6.86 -3.99 10.16
N HIS A 276 7.36 -4.22 8.94
CA HIS A 276 6.46 -4.74 7.91
C HIS A 276 5.94 -6.13 8.25
N LEU A 277 6.77 -6.95 8.91
CA LEU A 277 6.27 -8.27 9.32
C LEU A 277 5.21 -8.13 10.40
N LEU A 278 5.44 -7.24 11.37
CA LEU A 278 4.42 -7.03 12.37
C LEU A 278 3.13 -6.56 11.73
N GLN A 279 3.23 -5.65 10.74
CA GLN A 279 1.99 -5.19 10.10
C GLN A 279 1.33 -6.33 9.34
N ALA A 280 2.11 -7.11 8.60
CA ALA A 280 1.49 -8.21 7.87
C ALA A 280 0.80 -9.19 8.81
N GLU A 281 1.42 -9.48 9.96
CA GLU A 281 0.79 -10.34 10.93
C GLU A 281 -0.48 -9.74 11.47
N ASP A 282 -0.47 -8.40 11.70
CA ASP A 282 -1.69 -7.76 12.14
C ASP A 282 -2.78 -7.81 11.06
N MET A 283 -2.37 -7.76 9.80
CA MET A 283 -3.31 -7.67 8.68
C MET A 283 -3.95 -9.04 8.46
N LYS A 284 -3.20 -10.13 8.66
CA LYS A 284 -3.69 -11.46 8.26
C LYS A 284 -5.14 -11.76 8.64
N PRO A 285 -5.53 -11.65 9.90
CA PRO A 285 -6.92 -11.99 10.23
C PRO A 285 -7.90 -11.06 9.55
N LYS A 286 -7.51 -9.82 9.31
CA LYS A 286 -8.43 -8.88 8.67
C LYS A 286 -8.58 -9.17 7.18
N LEU A 287 -7.68 -9.98 6.60
CA LEU A 287 -7.71 -10.30 5.20
C LEU A 287 -8.34 -11.65 4.90
N ARG A 288 -8.77 -12.38 5.92
CA ARG A 288 -9.38 -13.68 5.64
C ARG A 288 -10.51 -13.59 4.62
N LYS A 289 -11.35 -12.55 4.71
CA LYS A 289 -12.46 -12.45 3.79
C LYS A 289 -12.03 -12.22 2.34
N LEU A 290 -10.76 -11.88 2.10
CA LEU A 290 -10.28 -11.63 0.74
C LEU A 290 -9.78 -12.89 0.07
N GLY A 291 -9.56 -13.99 0.80
CA GLY A 291 -9.42 -15.29 0.16
C GLY A 291 -8.02 -15.91 0.24
N GLY A 292 -7.01 -15.14 0.58
CA GLY A 292 -5.65 -15.64 0.55
C GLY A 292 -5.06 -15.87 1.92
N TRP A 293 -5.83 -15.64 2.96
CA TRP A 293 -5.24 -15.46 4.30
C TRP A 293 -6.07 -16.13 5.39
#